data_6PVB
#
_entry.id   6PVB
#
_cell.length_a   72.947
_cell.length_b   72.947
_cell.length_c   82.089
_cell.angle_alpha   90.000
_cell.angle_beta   90.000
_cell.angle_gamma   120.000
#
_symmetry.space_group_name_H-M   'P 31 2 1'
#
loop_
_entity.id
_entity.type
_entity.pdbx_description
1 polymer 'N-terminal Xaa-Pro-Lys N-methyltransferase 1'
2 polymer 'AMINO GROUP-()-(2~{S})-2-azanylpropanal-()-ISOLEUCINE-()-ARGININE-()-LYSINE-()-PROLINE-()-AMINO-ACETALDEHYDE-()-9-(5-{[(3S)-3-amino-3-carboxypropyl](pentyl)amino}-5-deoxy-beta-L-arabinofuranosyl)-9H-purin-6-amine'
3 non-polymer S-ADENOSYL-L-HOMOCYSTEINE
4 water water
#
loop_
_entity_poly.entity_id
_entity_poly.type
_entity_poly.pdbx_seq_one_letter_code
_entity_poly.pdbx_strand_id
1 'polypeptide(L)'
;MGSSHHHHHHSSGLVPRGSTSEVIEDEKQFYSKAKTYWKQIPPTVDGMLGGYGHISSIDINSSRKFLQRFLREGPNKTGT
SCALDCGAGIGRITKRLLLPLFREVDMVDITEDFLVQAKTYLGEEGKRVRNYFCCGLQDFTPEPDSYDVIWIQWVIGHLT
DQHLAEFLRRCKGSLRPNGIIVIKDNMAQEGVILDDVDSSVCRDLDVVRRIICSAGLSLLAEERQENLPDEIYHVYSFAL
R
;
B
2 'polypeptide(L)' (P2J)(GLZ)PKRIA(NH2) A
#
# COMPACT_ATOMS: atom_id res chain seq x y z
N ARG A 17 7.71 20.68 -8.46
CA ARG A 17 8.32 19.65 -9.30
C ARG A 17 7.34 18.50 -9.54
N GLY A 18 7.53 17.83 -10.68
CA GLY A 18 6.64 16.79 -11.13
C GLY A 18 7.12 15.36 -11.11
N SER A 19 8.27 15.12 -10.51
CA SER A 19 8.82 13.78 -10.43
C SER A 19 9.73 13.64 -9.26
N THR A 20 10.03 12.38 -8.93
CA THR A 20 10.91 12.08 -7.81
C THR A 20 12.31 12.48 -8.12
N SER A 21 12.70 12.38 -9.39
CA SER A 21 14.05 12.78 -9.89
CA SER A 21 14.01 12.81 -9.96
C SER A 21 14.64 14.24 -9.68
N GLU A 22 13.62 15.06 -9.49
CA GLU A 22 13.66 16.43 -9.20
C GLU A 22 13.57 16.62 -7.69
N VAL A 23 12.63 16.00 -6.99
CA VAL A 23 12.57 16.27 -5.56
C VAL A 23 13.52 15.40 -4.74
N ILE A 24 13.92 14.25 -5.25
CA ILE A 24 14.83 13.35 -4.55
C ILE A 24 16.23 13.63 -5.05
N GLU A 25 17.02 14.35 -4.25
CA GLU A 25 18.38 14.69 -4.64
C GLU A 25 19.32 13.50 -4.48
N ASP A 26 19.14 12.72 -3.43
CA ASP A 26 19.98 11.55 -3.15
C ASP A 26 19.03 10.37 -2.98
N GLU A 27 18.94 9.51 -4.00
CA GLU A 27 18.05 8.36 -3.92
C GLU A 27 18.49 7.38 -2.84
N LYS A 28 19.80 7.21 -2.68
CA LYS A 28 20.31 6.31 -1.64
C LYS A 28 19.88 6.77 -0.26
N GLN A 29 19.94 8.08 0.00
CA GLN A 29 19.53 8.60 1.31
CA GLN A 29 19.53 8.60 1.31
C GLN A 29 18.01 8.66 1.44
N PHE A 30 17.30 8.77 0.31
CA PHE A 30 15.85 8.76 0.37
C PHE A 30 15.35 7.44 0.96
N TYR A 31 16.02 6.33 0.63
CA TYR A 31 15.61 5.02 1.15
C TYR A 31 16.16 4.78 2.55
N SER A 32 17.43 5.14 2.80
CA SER A 32 18.01 4.86 4.11
C SER A 32 17.37 5.71 5.20
N LYS A 33 16.99 6.95 4.89
CA LYS A 33 16.32 7.77 5.88
C LYS A 33 14.96 7.19 6.26
N ALA A 34 14.24 6.62 5.28
CA ALA A 34 12.94 6.03 5.59
C ALA A 34 13.08 4.75 6.41
N LYS A 35 14.07 3.92 6.10
CA LYS A 35 14.30 2.72 6.89
C LYS A 35 14.62 3.08 8.33
N THR A 36 15.47 4.10 8.54
CA THR A 36 15.80 4.56 9.88
C THR A 36 14.57 5.08 10.62
N TYR A 37 13.73 5.87 9.93
CA TYR A 37 12.52 6.38 10.56
C TYR A 37 11.66 5.25 11.11
N TRP A 38 11.31 4.29 10.25
CA TRP A 38 10.35 3.27 10.65
C TRP A 38 10.90 2.31 11.70
N LYS A 39 12.23 2.14 11.75
CA LYS A 39 12.84 1.21 12.70
C LYS A 39 12.62 1.61 14.15
N GLN A 40 12.36 2.88 14.45
CA GLN A 40 12.11 3.27 15.83
C GLN A 40 10.69 3.78 16.08
N ILE A 41 9.75 3.46 15.17
CA ILE A 41 8.34 3.77 15.38
C ILE A 41 7.73 2.64 16.18
N PRO A 42 6.87 2.92 17.16
CA PRO A 42 6.26 1.85 17.96
C PRO A 42 5.40 0.96 17.09
N PRO A 43 5.45 -0.36 17.29
CA PRO A 43 4.65 -1.28 16.46
C PRO A 43 3.19 -1.32 16.92
N THR A 44 2.50 -0.22 16.68
CA THR A 44 1.11 -0.03 17.11
C THR A 44 0.33 0.59 15.96
N VAL A 45 -1.00 0.55 16.06
CA VAL A 45 -1.84 1.16 15.03
C VAL A 45 -1.59 2.66 14.92
N ASP A 46 -1.42 3.34 16.06
CA ASP A 46 -1.08 4.76 16.01
C ASP A 46 0.26 5.00 15.33
N GLY A 47 1.20 4.07 15.48
CA GLY A 47 2.45 4.18 14.74
C GLY A 47 2.25 4.02 13.24
N MET A 48 1.44 3.04 12.84
CA MET A 48 1.14 2.85 11.42
C MET A 48 0.50 4.09 10.81
N LEU A 49 -0.32 4.78 11.59
CA LEU A 49 -1.18 5.83 11.05
C LEU A 49 -0.76 7.24 11.45
N GLY A 50 0.44 7.39 12.00
CA GLY A 50 0.94 8.72 12.36
C GLY A 50 0.02 9.49 13.29
N GLY A 51 -0.60 8.79 14.23
CA GLY A 51 -1.52 9.43 15.16
C GLY A 51 -2.97 9.43 14.73
N TYR A 52 -3.29 8.87 13.56
CA TYR A 52 -4.65 8.86 13.04
C TYR A 52 -5.32 7.50 13.19
N GLY A 53 -5.00 6.78 14.26
CA GLY A 53 -5.68 5.53 14.54
C GLY A 53 -7.19 5.66 14.60
N HIS A 54 -7.69 6.86 14.91
CA HIS A 54 -9.13 7.08 15.01
C HIS A 54 -9.85 7.02 13.67
N ILE A 55 -9.16 6.94 12.54
CA ILE A 55 -9.82 6.78 11.26
C ILE A 55 -9.62 5.37 10.70
N SER A 56 -9.00 4.47 11.47
CA SER A 56 -8.70 3.14 10.94
C SER A 56 -9.96 2.42 10.50
N SER A 57 -11.01 2.44 11.34
CA SER A 57 -12.24 1.74 11.00
C SER A 57 -12.92 2.36 9.78
N ILE A 58 -12.95 3.70 9.71
CA ILE A 58 -13.51 4.38 8.54
C ILE A 58 -12.76 3.97 7.28
N ASP A 59 -11.43 3.93 7.36
CA ASP A 59 -10.60 3.51 6.22
C ASP A 59 -10.92 2.08 5.81
N ILE A 60 -10.91 1.15 6.77
CA ILE A 60 -11.13 -0.26 6.46
C ILE A 60 -12.52 -0.49 5.87
N ASN A 61 -13.53 0.22 6.37
CA ASN A 61 -14.88 0.02 5.86
C ASN A 61 -15.00 0.42 4.39
N SER A 62 -14.37 1.54 4.01
CA SER A 62 -14.41 1.96 2.62
C SER A 62 -13.60 1.00 1.75
N SER A 63 -12.45 0.55 2.25
CA SER A 63 -11.66 -0.42 1.50
C SER A 63 -12.45 -1.69 1.25
N ARG A 64 -13.18 -2.16 2.25
CA ARG A 64 -13.97 -3.37 2.08
C ARG A 64 -15.05 -3.17 1.02
N LYS A 65 -15.81 -2.08 1.12
CA LYS A 65 -16.83 -1.81 0.10
C LYS A 65 -16.22 -1.70 -1.29
N PHE A 66 -15.05 -1.06 -1.39
CA PHE A 66 -14.36 -0.92 -2.67
C PHE A 66 -13.97 -2.28 -3.24
N LEU A 67 -13.50 -3.18 -2.37
CA LEU A 67 -12.96 -4.47 -2.80
C LEU A 67 -14.06 -5.50 -3.04
N GLN A 68 -15.10 -5.51 -2.19
CA GLN A 68 -16.16 -6.51 -2.29
C GLN A 68 -16.83 -6.52 -3.66
N ARG A 69 -16.76 -5.41 -4.39
CA ARG A 69 -17.36 -5.36 -5.72
C ARG A 69 -16.65 -6.31 -6.68
N PHE A 70 -15.31 -6.28 -6.70
CA PHE A 70 -14.57 -7.16 -7.59
C PHE A 70 -14.69 -8.62 -7.18
N LEU A 71 -15.05 -8.89 -5.92
CA LEU A 71 -15.15 -10.25 -5.40
C LEU A 71 -16.54 -10.83 -5.50
N ARG A 72 -17.58 -10.01 -5.61
CA ARG A 72 -18.94 -10.52 -5.62
C ARG A 72 -19.57 -10.52 -7.01
N GLU A 73 -19.23 -9.53 -7.84
CA GLU A 73 -19.94 -9.29 -9.08
C GLU A 73 -19.14 -9.85 -10.26
N GLY A 74 -19.68 -10.87 -10.91
CA GLY A 74 -19.11 -11.39 -12.13
C GLY A 74 -19.54 -10.59 -13.34
N PRO A 75 -19.07 -11.01 -14.52
CA PRO A 75 -18.22 -12.18 -14.75
C PRO A 75 -16.77 -11.89 -14.42
N ASN A 76 -15.89 -12.88 -14.55
CA ASN A 76 -14.46 -12.71 -14.29
C ASN A 76 -14.22 -12.20 -12.86
N LYS A 77 -14.96 -12.79 -11.91
CA LYS A 77 -14.89 -12.41 -10.51
C LYS A 77 -13.50 -12.66 -9.97
N THR A 78 -13.06 -11.78 -9.05
CA THR A 78 -11.76 -11.95 -8.40
C THR A 78 -11.85 -13.05 -7.34
N GLY A 79 -10.85 -13.93 -7.34
CA GLY A 79 -10.84 -15.04 -6.40
C GLY A 79 -10.56 -14.60 -4.97
N THR A 80 -10.75 -15.55 -4.05
CA THR A 80 -10.60 -15.28 -2.62
C THR A 80 -9.60 -16.19 -1.95
N SER A 81 -8.65 -16.77 -2.68
CA SER A 81 -7.74 -17.71 -2.05
C SER A 81 -6.51 -17.07 -1.43
N CYS A 82 -5.96 -16.02 -2.03
CA CYS A 82 -4.73 -15.47 -1.46
C CYS A 82 -4.57 -13.99 -1.78
N ALA A 83 -4.09 -13.23 -0.78
CA ALA A 83 -3.83 -11.81 -0.94
C ALA A 83 -2.44 -11.48 -0.43
N LEU A 84 -1.84 -10.43 -1.01
CA LEU A 84 -0.55 -9.92 -0.56
C LEU A 84 -0.73 -8.51 -0.04
N ASP A 85 -0.27 -8.27 1.20
CA ASP A 85 -0.37 -6.97 1.86
C ASP A 85 1.00 -6.30 1.77
N CYS A 86 1.12 -5.25 0.97
CA CYS A 86 2.40 -4.60 0.71
C CYS A 86 2.61 -3.41 1.62
N GLY A 87 3.79 -3.33 2.23
CA GLY A 87 3.98 -2.33 3.26
C GLY A 87 3.05 -2.56 4.42
N ALA A 88 2.89 -3.83 4.82
CA ALA A 88 1.81 -4.22 5.71
C ALA A 88 1.98 -3.72 7.14
N GLY A 89 3.20 -3.34 7.53
CA GLY A 89 3.42 -2.97 8.92
C GLY A 89 3.06 -4.10 9.86
N ILE A 90 2.35 -3.76 10.94
CA ILE A 90 1.96 -4.78 11.93
C ILE A 90 0.77 -5.60 11.49
N GLY A 91 0.18 -5.31 10.34
CA GLY A 91 -0.96 -6.05 9.85
C GLY A 91 -2.31 -5.43 10.13
N ARG A 92 -2.38 -4.11 10.31
CA ARG A 92 -3.66 -3.44 10.51
C ARG A 92 -4.65 -3.83 9.41
N ILE A 93 -4.22 -3.78 8.15
CA ILE A 93 -5.11 -4.11 7.04
C ILE A 93 -5.28 -5.61 6.91
N THR A 94 -4.20 -6.36 7.12
CA THR A 94 -4.30 -7.81 7.04
C THR A 94 -5.32 -8.33 8.03
N LYS A 95 -5.35 -7.75 9.23
CA LYS A 95 -6.24 -8.26 10.28
C LYS A 95 -7.71 -8.01 9.96
N ARG A 96 -8.07 -6.77 9.61
N ARG A 96 -8.07 -6.78 9.61
CA ARG A 96 -9.48 -6.39 9.53
CA ARG A 96 -9.47 -6.40 9.54
C ARG A 96 -10.04 -6.35 8.12
C ARG A 96 -10.04 -6.33 8.11
N LEU A 97 -9.19 -6.25 7.09
CA LEU A 97 -9.66 -6.26 5.71
C LEU A 97 -9.41 -7.61 5.03
N LEU A 98 -8.17 -8.06 5.00
CA LEU A 98 -7.78 -9.14 4.10
C LEU A 98 -8.10 -10.53 4.66
N LEU A 99 -7.69 -10.81 5.89
CA LEU A 99 -7.97 -12.13 6.46
C LEU A 99 -9.44 -12.50 6.49
N PRO A 100 -10.39 -11.59 6.77
CA PRO A 100 -11.81 -11.96 6.70
C PRO A 100 -12.30 -12.27 5.29
N LEU A 101 -11.55 -11.91 4.25
CA LEU A 101 -12.00 -12.07 2.88
C LEU A 101 -11.21 -13.10 2.07
N PHE A 102 -9.97 -13.41 2.45
CA PHE A 102 -9.11 -14.29 1.69
C PHE A 102 -8.67 -15.46 2.56
N ARG A 103 -8.57 -16.65 1.96
CA ARG A 103 -8.20 -17.83 2.71
C ARG A 103 -6.84 -17.66 3.38
N GLU A 104 -5.84 -17.19 2.62
CA GLU A 104 -4.51 -16.96 3.15
C GLU A 104 -4.01 -15.60 2.69
N VAL A 105 -3.08 -15.04 3.47
CA VAL A 105 -2.50 -13.72 3.18
C VAL A 105 -0.99 -13.83 3.37
N ASP A 106 -0.25 -13.17 2.48
CA ASP A 106 1.18 -12.93 2.64
C ASP A 106 1.38 -11.46 2.96
N MET A 107 2.38 -11.16 3.79
CA MET A 107 2.70 -9.79 4.14
C MET A 107 4.14 -9.50 3.72
N VAL A 108 4.39 -8.26 3.31
CA VAL A 108 5.76 -7.84 3.03
C VAL A 108 5.99 -6.43 3.61
N ASP A 109 7.10 -6.26 4.31
CA ASP A 109 7.41 -4.96 4.90
C ASP A 109 8.91 -4.88 5.13
N ILE A 110 9.43 -3.65 5.13
CA ILE A 110 10.86 -3.47 5.30
C ILE A 110 11.28 -3.54 6.77
N THR A 111 10.35 -3.33 7.70
CA THR A 111 10.69 -3.13 9.12
C THR A 111 10.49 -4.43 9.89
N GLU A 112 11.62 -5.04 10.30
CA GLU A 112 11.57 -6.32 11.02
C GLU A 112 10.68 -6.25 12.25
N ASP A 113 10.77 -5.15 13.01
CA ASP A 113 10.01 -5.04 14.25
C ASP A 113 8.52 -5.15 14.01
N PHE A 114 8.03 -4.65 12.86
CA PHE A 114 6.59 -4.73 12.58
C PHE A 114 6.17 -6.15 12.23
N LEU A 115 6.98 -6.86 11.45
CA LEU A 115 6.65 -8.25 11.11
C LEU A 115 6.64 -9.11 12.36
N VAL A 116 7.58 -8.88 13.27
CA VAL A 116 7.62 -9.64 14.53
C VAL A 116 6.37 -9.36 15.36
N GLN A 117 6.00 -8.08 15.48
CA GLN A 117 4.81 -7.75 16.26
C GLN A 117 3.54 -8.27 15.60
N ALA A 118 3.54 -8.37 14.27
CA ALA A 118 2.35 -8.82 13.56
C ALA A 118 1.89 -10.18 14.07
N LYS A 119 2.84 -11.07 14.39
CA LYS A 119 2.47 -12.37 14.91
C LYS A 119 1.60 -12.24 16.16
N THR A 120 1.91 -11.29 17.03
CA THR A 120 1.09 -11.06 18.21
C THR A 120 -0.17 -10.29 17.86
N TYR A 121 -0.03 -9.24 17.05
CA TYR A 121 -1.16 -8.36 16.76
C TYR A 121 -2.28 -9.11 16.04
N LEU A 122 -1.93 -9.99 15.11
CA LEU A 122 -2.94 -10.67 14.32
C LEU A 122 -3.74 -11.69 15.12
N GLY A 123 -3.22 -12.15 16.26
CA GLY A 123 -3.99 -13.08 17.07
C GLY A 123 -4.16 -14.43 16.38
N GLU A 124 -5.27 -15.11 16.73
CA GLU A 124 -5.47 -16.46 16.24
C GLU A 124 -5.65 -16.50 14.72
N GLU A 125 -6.33 -15.50 14.15
CA GLU A 125 -6.54 -15.52 12.70
C GLU A 125 -5.24 -15.30 11.93
N GLY A 126 -4.19 -14.82 12.61
CA GLY A 126 -2.88 -14.67 11.99
C GLY A 126 -2.22 -15.97 11.58
N LYS A 127 -2.74 -17.10 12.06
CA LYS A 127 -2.21 -18.39 11.60
C LYS A 127 -2.45 -18.61 10.11
N ARG A 128 -3.36 -17.84 9.51
CA ARG A 128 -3.58 -17.90 8.08
C ARG A 128 -2.66 -16.99 7.28
N VAL A 129 -1.73 -16.31 7.94
CA VAL A 129 -0.67 -15.60 7.21
C VAL A 129 0.41 -16.60 6.84
N ARG A 130 0.64 -16.76 5.53
CA ARG A 130 1.53 -17.79 5.02
C ARG A 130 2.99 -17.38 5.11
N ASN A 131 3.34 -16.18 4.61
CA ASN A 131 4.69 -15.69 4.60
C ASN A 131 4.76 -14.27 5.17
N TYR A 132 5.79 -14.02 5.98
CA TYR A 132 6.14 -12.69 6.49
C TYR A 132 7.43 -12.26 5.81
N PHE A 133 7.30 -11.71 4.61
CA PHE A 133 8.47 -11.32 3.83
C PHE A 133 9.05 -10.02 4.38
N CYS A 134 10.36 -9.99 4.62
CA CYS A 134 11.04 -8.78 5.07
C CYS A 134 11.87 -8.25 3.90
N CYS A 135 11.35 -7.22 3.23
CA CYS A 135 11.99 -6.75 2.02
C CYS A 135 11.46 -5.36 1.72
N GLY A 136 12.32 -4.53 1.15
CA GLY A 136 11.84 -3.32 0.52
C GLY A 136 11.12 -3.66 -0.78
N LEU A 137 10.01 -2.96 -1.03
CA LEU A 137 9.25 -3.23 -2.25
C LEU A 137 10.10 -3.03 -3.49
N GLN A 138 11.05 -2.10 -3.43
CA GLN A 138 11.93 -1.86 -4.58
C GLN A 138 12.82 -3.07 -4.89
N ASP A 139 12.95 -4.02 -3.95
CA ASP A 139 13.76 -5.21 -4.13
C ASP A 139 12.93 -6.50 -4.12
N PHE A 140 11.61 -6.39 -4.07
CA PHE A 140 10.74 -7.54 -3.81
C PHE A 140 10.10 -8.02 -5.12
N THR A 141 10.13 -9.33 -5.33
CA THR A 141 9.48 -9.96 -6.49
C THR A 141 8.42 -10.93 -5.99
N PRO A 142 7.13 -10.58 -6.07
CA PRO A 142 6.09 -11.55 -5.73
C PRO A 142 6.10 -12.71 -6.72
N GLU A 143 5.76 -13.90 -6.20
CA GLU A 143 5.85 -15.11 -7.03
C GLU A 143 4.77 -15.10 -8.10
N PRO A 144 5.09 -15.54 -9.32
CA PRO A 144 4.10 -15.56 -10.39
C PRO A 144 2.87 -16.40 -10.04
N ASP A 145 1.71 -15.93 -10.49
CA ASP A 145 0.45 -16.68 -10.40
C ASP A 145 0.14 -17.09 -8.95
N SER A 146 0.23 -16.12 -8.05
CA SER A 146 0.08 -16.38 -6.62
C SER A 146 -1.06 -15.65 -5.95
N TYR A 147 -1.42 -14.45 -6.39
CA TYR A 147 -2.28 -13.58 -5.61
C TYR A 147 -3.53 -13.16 -6.36
N ASP A 148 -4.68 -13.26 -5.68
CA ASP A 148 -5.92 -12.72 -6.23
C ASP A 148 -5.99 -11.21 -6.04
N VAL A 149 -5.40 -10.71 -4.96
CA VAL A 149 -5.44 -9.28 -4.66
C VAL A 149 -4.10 -8.89 -4.06
N ILE A 150 -3.49 -7.85 -4.59
CA ILE A 150 -2.28 -7.26 -4.04
C ILE A 150 -2.66 -5.88 -3.53
N TRP A 151 -2.55 -5.67 -2.22
CA TRP A 151 -3.01 -4.44 -1.57
C TRP A 151 -1.81 -3.60 -1.20
N ILE A 152 -1.77 -2.36 -1.68
CA ILE A 152 -0.62 -1.48 -1.50
C ILE A 152 -1.13 -0.18 -0.91
N GLN A 153 -1.00 -0.01 0.41
CA GLN A 153 -1.61 1.13 1.07
C GLN A 153 -0.60 1.91 1.90
N TRP A 154 -0.58 3.22 1.68
CA TRP A 154 0.25 4.15 2.46
C TRP A 154 1.73 3.81 2.41
N VAL A 155 2.21 3.40 1.23
CA VAL A 155 3.60 3.03 1.06
C VAL A 155 4.17 3.44 -0.29
N ILE A 156 3.32 3.78 -1.28
CA ILE A 156 3.88 4.09 -2.59
C ILE A 156 4.78 5.32 -2.55
N GLY A 157 4.55 6.22 -1.59
CA GLY A 157 5.41 7.37 -1.45
C GLY A 157 6.83 7.05 -0.99
N HIS A 158 7.09 5.81 -0.58
CA HIS A 158 8.44 5.41 -0.20
C HIS A 158 9.25 4.84 -1.36
N LEU A 159 8.69 4.80 -2.56
CA LEU A 159 9.43 4.36 -3.74
C LEU A 159 9.60 5.52 -4.71
N THR A 160 10.72 5.52 -5.42
CA THR A 160 10.90 6.46 -6.51
C THR A 160 9.88 6.15 -7.61
N ASP A 161 9.68 7.13 -8.51
CA ASP A 161 8.76 6.94 -9.62
C ASP A 161 9.09 5.70 -10.42
N GLN A 162 10.37 5.51 -10.74
CA GLN A 162 10.79 4.36 -11.55
C GLN A 162 10.61 3.05 -10.78
N HIS A 163 11.00 3.03 -9.50
CA HIS A 163 10.88 1.80 -8.73
C HIS A 163 9.41 1.43 -8.52
N LEU A 164 8.54 2.42 -8.36
CA LEU A 164 7.11 2.14 -8.23
C LEU A 164 6.58 1.47 -9.49
N ALA A 165 6.90 2.05 -10.66
CA ALA A 165 6.46 1.46 -11.92
C ALA A 165 6.95 0.03 -12.07
N GLU A 166 8.24 -0.20 -11.80
CA GLU A 166 8.78 -1.54 -11.95
C GLU A 166 8.16 -2.52 -10.96
N PHE A 167 7.92 -2.07 -9.72
CA PHE A 167 7.26 -2.94 -8.75
C PHE A 167 5.85 -3.31 -9.19
N LEU A 168 5.09 -2.33 -9.69
CA LEU A 168 3.75 -2.63 -10.17
C LEU A 168 3.79 -3.63 -11.31
N ARG A 169 4.80 -3.52 -12.18
CA ARG A 169 4.96 -4.49 -13.27
C ARG A 169 5.24 -5.88 -12.73
N ARG A 170 6.08 -5.99 -11.69
CA ARG A 170 6.31 -7.29 -11.09
C ARG A 170 5.05 -7.82 -10.41
N CYS A 171 4.26 -6.94 -9.81
CA CYS A 171 2.99 -7.36 -9.22
C CYS A 171 2.05 -7.93 -10.27
N LYS A 172 2.01 -7.30 -11.44
CA LYS A 172 1.12 -7.77 -12.50
C LYS A 172 1.41 -9.22 -12.85
N GLY A 173 2.69 -9.59 -12.91
CA GLY A 173 3.09 -10.95 -13.18
C GLY A 173 2.78 -11.95 -12.08
N SER A 174 2.42 -11.46 -10.89
CA SER A 174 2.09 -12.35 -9.78
C SER A 174 0.59 -12.53 -9.58
N LEU A 175 -0.24 -11.87 -10.39
CA LEU A 175 -1.68 -11.99 -10.24
C LEU A 175 -2.18 -13.29 -10.84
N ARG A 176 -3.11 -13.92 -10.15
CA ARG A 176 -3.88 -15.03 -10.70
C ARG A 176 -4.91 -14.48 -11.67
N PRO A 177 -5.55 -15.35 -12.45
CA PRO A 177 -6.58 -14.87 -13.37
C PRO A 177 -7.65 -14.07 -12.65
N ASN A 178 -8.03 -12.94 -13.25
CA ASN A 178 -9.01 -11.99 -12.71
C ASN A 178 -8.51 -11.24 -11.49
N GLY A 179 -7.25 -11.44 -11.10
CA GLY A 179 -6.71 -10.74 -9.95
C GLY A 179 -6.56 -9.25 -10.20
N ILE A 180 -6.45 -8.50 -9.10
CA ILE A 180 -6.31 -7.05 -9.16
C ILE A 180 -5.21 -6.60 -8.21
N ILE A 181 -4.64 -5.45 -8.52
CA ILE A 181 -3.79 -4.69 -7.60
C ILE A 181 -4.62 -3.50 -7.11
N VAL A 182 -4.51 -3.19 -5.83
CA VAL A 182 -5.15 -2.01 -5.28
C VAL A 182 -4.08 -1.11 -4.66
N ILE A 183 -4.09 0.16 -5.05
CA ILE A 183 -3.27 1.19 -4.43
C ILE A 183 -4.22 2.13 -3.68
N LYS A 184 -3.94 2.37 -2.40
CA LYS A 184 -4.70 3.35 -1.62
C LYS A 184 -3.70 4.25 -0.92
N ASP A 185 -3.75 5.55 -1.20
CA ASP A 185 -2.70 6.42 -0.68
C ASP A 185 -3.14 7.88 -0.69
N ASN A 186 -2.33 8.70 -0.03
CA ASN A 186 -2.50 10.15 -0.02
C ASN A 186 -2.17 10.71 -1.39
N MET A 187 -2.88 11.77 -1.78
CA MET A 187 -2.65 12.47 -3.03
C MET A 187 -2.36 13.93 -2.73
N ALA A 188 -1.30 14.46 -3.34
CA ALA A 188 -0.94 15.86 -3.17
C ALA A 188 -1.85 16.74 -4.02
N GLN A 189 -1.91 18.03 -3.65
CA GLN A 189 -2.71 18.98 -4.43
C GLN A 189 -2.15 19.16 -5.82
N GLU A 190 -0.82 19.21 -5.94
CA GLU A 190 -0.18 19.52 -7.21
C GLU A 190 1.28 19.07 -7.16
N GLY A 191 1.72 18.42 -8.23
CA GLY A 191 3.11 18.01 -8.30
C GLY A 191 3.45 16.93 -7.30
N VAL A 192 4.73 16.90 -6.91
CA VAL A 192 5.26 15.92 -5.97
C VAL A 192 5.83 16.66 -4.77
N ILE A 193 5.33 16.35 -3.58
CA ILE A 193 5.74 16.97 -2.33
C ILE A 193 6.58 15.98 -1.54
N LEU A 194 7.73 16.41 -1.04
CA LEU A 194 8.60 15.57 -0.24
C LEU A 194 8.35 15.82 1.24
N ASP A 195 8.25 14.73 2.02
CA ASP A 195 8.15 14.79 3.47
C ASP A 195 9.53 14.43 4.02
N ASP A 196 10.18 15.40 4.67
CA ASP A 196 11.55 15.22 5.17
C ASP A 196 11.63 14.36 6.41
N VAL A 197 10.53 14.23 7.15
CA VAL A 197 10.56 13.49 8.42
C VAL A 197 10.60 11.99 8.18
N ASP A 198 9.61 11.46 7.46
CA ASP A 198 9.58 10.03 7.20
C ASP A 198 10.25 9.64 5.87
N SER A 199 10.70 10.61 5.10
CA SER A 199 11.39 10.38 3.82
C SER A 199 10.49 9.65 2.82
N SER A 200 9.40 10.31 2.46
CA SER A 200 8.46 9.82 1.46
C SER A 200 7.99 10.99 0.62
N VAL A 201 7.40 10.67 -0.53
CA VAL A 201 6.84 11.69 -1.41
C VAL A 201 5.33 11.52 -1.46
N CYS A 202 4.64 12.61 -1.79
CA CYS A 202 3.22 12.62 -2.06
C CYS A 202 3.03 13.17 -3.46
N ARG A 203 2.23 12.49 -4.28
CA ARG A 203 2.06 12.83 -5.67
C ARG A 203 0.60 13.19 -5.94
N ASP A 204 0.38 14.05 -6.95
CA ASP A 204 -1.00 14.37 -7.28
C ASP A 204 -1.61 13.27 -8.16
N LEU A 205 -2.91 13.43 -8.44
CA LEU A 205 -3.63 12.42 -9.22
C LEU A 205 -3.02 12.19 -10.59
N ASP A 206 -2.65 13.27 -11.28
CA ASP A 206 -2.10 13.13 -12.63
C ASP A 206 -0.80 12.34 -12.62
N VAL A 207 0.07 12.60 -11.64
CA VAL A 207 1.34 11.90 -11.58
C VAL A 207 1.13 10.41 -11.33
N VAL A 208 0.23 10.08 -10.40
CA VAL A 208 -0.01 8.67 -10.06
C VAL A 208 -0.63 7.93 -11.24
N ARG A 209 -1.67 8.53 -11.85
CA ARG A 209 -2.29 7.90 -13.01
C ARG A 209 -1.28 7.68 -14.14
N ARG A 210 -0.39 8.66 -14.35
CA ARG A 210 0.60 8.52 -15.40
C ARG A 210 1.59 7.41 -15.09
N ILE A 211 1.97 7.26 -13.81
CA ILE A 211 2.89 6.19 -13.44
C ILE A 211 2.26 4.83 -13.66
N ILE A 212 1.01 4.70 -13.28
CA ILE A 212 0.30 3.47 -13.46
C ILE A 212 0.06 3.16 -14.93
N CYS A 213 -0.45 4.12 -15.68
CA CYS A 213 -0.85 3.92 -17.09
C CYS A 213 0.36 3.77 -17.91
N SER A 214 1.33 4.56 -17.57
CA SER A 214 2.59 4.48 -18.26
C SER A 214 3.39 3.20 -17.94
N ALA A 215 3.11 2.49 -16.90
CA ALA A 215 3.81 1.25 -16.64
C ALA A 215 3.14 0.04 -17.21
N GLY A 216 2.07 0.19 -17.96
CA GLY A 216 1.46 -0.98 -18.53
C GLY A 216 0.36 -1.68 -17.77
N LEU A 217 -0.20 -0.97 -16.81
CA LEU A 217 -1.31 -1.46 -16.06
C LEU A 217 -2.56 -0.72 -16.47
N SER A 218 -3.68 -1.40 -16.44
CA SER A 218 -4.97 -0.82 -16.78
C SER A 218 -5.64 -0.33 -15.49
N LEU A 219 -6.11 0.91 -15.50
CA LEU A 219 -6.85 1.46 -14.38
C LEU A 219 -8.31 1.08 -14.52
N LEU A 220 -8.81 0.30 -13.55
CA LEU A 220 -10.18 -0.23 -13.61
C LEU A 220 -11.16 0.56 -12.76
N ALA A 221 -10.71 1.12 -11.64
CA ALA A 221 -11.57 1.86 -10.74
C ALA A 221 -10.74 2.91 -10.02
N GLU A 222 -11.41 3.99 -9.62
CA GLU A 222 -10.75 5.08 -8.93
C GLU A 222 -11.80 5.74 -8.04
N GLU A 223 -11.49 5.90 -6.76
CA GLU A 223 -12.48 6.38 -5.80
C GLU A 223 -11.80 7.22 -4.73
N ARG A 224 -12.31 8.44 -4.53
CA ARG A 224 -11.82 9.28 -3.44
C ARG A 224 -12.48 8.86 -2.13
N GLN A 225 -11.67 8.76 -1.08
CA GLN A 225 -12.16 8.39 0.25
C GLN A 225 -12.94 9.55 0.87
N GLU A 226 -14.17 9.29 1.27
CA GLU A 226 -15.01 10.32 1.86
C GLU A 226 -14.89 10.30 3.38
N ASN A 227 -15.39 11.38 4.01
CA ASN A 227 -15.56 11.49 5.45
C ASN A 227 -14.23 11.56 6.21
N LEU A 228 -13.13 11.90 5.54
CA LEU A 228 -11.87 12.03 6.25
C LEU A 228 -11.79 13.36 6.98
N PRO A 229 -10.95 13.45 8.01
CA PRO A 229 -10.71 14.74 8.67
C PRO A 229 -10.35 15.81 7.64
N ASP A 230 -10.78 17.04 7.91
CA ASP A 230 -10.55 18.15 6.98
C ASP A 230 -9.07 18.44 6.79
N GLU A 231 -8.23 18.17 7.79
CA GLU A 231 -6.89 18.72 7.80
C GLU A 231 -5.87 17.87 7.03
N ILE A 232 -6.25 16.71 6.52
CA ILE A 232 -5.30 15.78 5.91
C ILE A 232 -5.42 15.79 4.40
N TYR A 233 -4.36 15.31 3.74
CA TYR A 233 -4.39 15.12 2.30
C TYR A 233 -5.52 14.18 1.91
N HIS A 234 -6.04 14.40 0.71
CA HIS A 234 -7.05 13.50 0.19
C HIS A 234 -6.44 12.11 -0.04
N VAL A 235 -7.29 11.10 0.03
CA VAL A 235 -6.88 9.70 -0.12
C VAL A 235 -7.72 9.11 -1.24
N TYR A 236 -7.07 8.37 -2.13
CA TYR A 236 -7.74 7.72 -3.25
C TYR A 236 -7.39 6.25 -3.28
N SER A 237 -8.33 5.45 -3.79
CA SER A 237 -8.13 4.04 -4.06
C SER A 237 -8.16 3.82 -5.57
N PHE A 238 -7.25 2.99 -6.06
CA PHE A 238 -7.19 2.63 -7.47
C PHE A 238 -7.17 1.11 -7.57
N ALA A 239 -7.97 0.55 -8.47
CA ALA A 239 -7.90 -0.87 -8.80
C ALA A 239 -7.29 -1.00 -10.19
N LEU A 240 -6.31 -1.90 -10.33
CA LEU A 240 -5.56 -2.02 -11.57
C LEU A 240 -5.25 -3.48 -11.86
N ARG A 241 -4.98 -3.77 -13.13
CA ARG A 241 -4.47 -5.09 -13.50
C ARG A 241 -3.72 -5.06 -14.83
N PRO B 3 -2.05 8.67 6.96
CA PRO B 3 -2.69 9.81 6.74
C PRO B 3 -1.76 10.91 7.22
N LYS B 4 -1.75 12.24 6.48
CA LYS B 4 -0.83 13.28 6.93
C LYS B 4 -1.52 14.67 6.85
N ARG B 5 -1.16 15.72 7.89
CA ARG B 5 -1.75 17.08 7.85
C ARG B 5 -1.27 17.72 6.55
N ILE B 6 -2.18 18.61 5.74
CA ILE B 6 -1.63 19.22 4.52
C ILE B 6 -0.54 20.17 4.98
N ALA B 7 0.85 19.96 4.55
CA ALA B 7 1.94 20.84 4.98
C ALA B 7 1.72 22.26 4.49
#